data_2NNU
#
_entry.id   2NNU
#
_cell.length_a   52.892
_cell.length_b   94.589
_cell.length_c   119.691
_cell.angle_alpha   90.00
_cell.angle_beta   90.00
_cell.angle_gamma   90.00
#
_symmetry.space_group_name_H-M   'C 2 2 21'
#
loop_
_entity.id
_entity.type
_entity.pdbx_description
1 polymer 'Regulatory protein E2'
2 polymer 'Bromodomain-containing protein 4'
3 water water
#
loop_
_entity_poly.entity_id
_entity_poly.type
_entity_poly.pdbx_seq_one_letter_code
_entity_poly.pdbx_strand_id
1 'polypeptide(L)'
;GSGSMETLCQRLNVCQDKILTHYENDSTDLRDHIDYWKHMRLECAIYYKAREMGFKHINHQVVPTLAVSKNKALQAIELQ
LTLETIYNSQYSNEKWTLQDVSLEVYLTAPTGCIKKHGYTVEVQFDGDICNTMHYTNWTHIYICEEASVTVVEGQVDYYG
LYYVHEGIRTYFVQFKDDAEKYSKNKVWEVHAGGQVILCPTSVFS
;
A
2 'polypeptide(L)' GSATIDMNFQSDLLSIFEENLF B
#
# COMPACT_ATOMS: atom_id res chain seq x y z
N SER A 4 -28.17 16.60 -0.31
CA SER A 4 -29.18 15.65 -0.83
C SER A 4 -28.50 14.47 -1.51
N MET A 5 -29.28 13.40 -1.65
CA MET A 5 -28.93 12.24 -2.48
C MET A 5 -28.52 12.70 -3.87
N GLU A 6 -29.26 13.64 -4.43
CA GLU A 6 -28.96 14.15 -5.77
C GLU A 6 -27.58 14.76 -5.87
N THR A 7 -27.18 15.50 -4.85
CA THR A 7 -25.87 16.11 -4.87
C THR A 7 -24.79 15.03 -4.76
N LEU A 8 -25.01 14.06 -3.89
CA LEU A 8 -24.04 12.96 -3.76
C LEU A 8 -23.89 12.20 -5.06
N CYS A 9 -25.00 11.99 -5.75
CA CYS A 9 -24.92 11.25 -7.03
C CYS A 9 -24.07 11.99 -8.04
N GLN A 10 -24.29 13.29 -8.15
CA GLN A 10 -23.58 14.09 -9.13
C GLN A 10 -22.09 14.12 -8.84
N ARG A 11 -21.76 14.24 -7.55
CA ARG A 11 -20.37 14.34 -7.16
C ARG A 11 -19.71 12.99 -7.40
N LEU A 12 -20.41 11.92 -7.05
CA LEU A 12 -19.87 10.58 -7.29
C LEU A 12 -19.56 10.36 -8.77
N ASN A 13 -20.45 10.78 -9.66
CA ASN A 13 -20.16 10.65 -11.10
C ASN A 13 -18.91 11.25 -11.59
N VAL A 14 -18.72 12.52 -11.24
CA VAL A 14 -17.59 13.26 -11.73
C VAL A 14 -16.35 12.61 -11.11
N CYS A 15 -16.46 12.26 -9.83
CA CYS A 15 -15.36 11.63 -9.09
C CYS A 15 -14.91 10.31 -9.73
N GLN A 16 -15.88 9.43 -10.01
CA GLN A 16 -15.61 8.17 -10.68
C GLN A 16 -15.06 8.32 -12.10
N ASP A 17 -15.58 9.31 -12.82
CA ASP A 17 -15.06 9.62 -14.14
C ASP A 17 -13.58 10.01 -14.06
N LYS A 18 -13.21 10.83 -13.08
CA LYS A 18 -11.81 11.24 -12.97
C LYS A 18 -10.91 10.05 -12.64
N ILE A 19 -11.38 9.17 -11.74
CA ILE A 19 -10.62 7.99 -11.35
C ILE A 19 -10.42 7.11 -12.58
N LEU A 20 -11.50 6.89 -13.34
CA LEU A 20 -11.41 6.07 -14.55
C LEU A 20 -10.40 6.63 -15.58
N THR A 21 -10.43 7.94 -15.76
CA THR A 21 -9.46 8.63 -16.59
C THR A 21 -8.01 8.39 -16.14
N HIS A 22 -7.75 8.46 -14.83
CA HIS A 22 -6.42 8.08 -14.36
C HIS A 22 -6.04 6.66 -14.71
N TYR A 23 -6.97 5.72 -14.53
CA TYR A 23 -6.69 4.32 -14.87
C TYR A 23 -6.31 4.18 -16.33
N GLU A 24 -7.06 4.86 -17.19
CA GLU A 24 -6.81 4.80 -18.64
C GLU A 24 -5.51 5.48 -19.06
N ASN A 25 -5.15 6.57 -18.39
CA ASN A 25 -3.93 7.28 -18.75
C ASN A 25 -2.65 6.54 -18.36
N ASP A 26 -2.73 5.77 -17.27
CA ASP A 26 -1.58 5.03 -16.77
C ASP A 26 -0.32 5.92 -16.73
N SER A 27 -0.43 7.04 -16.03
CA SER A 27 0.64 8.06 -15.97
C SER A 27 1.87 7.59 -15.21
N THR A 28 3.03 8.17 -15.52
CA THR A 28 4.23 7.91 -14.74
C THR A 28 4.63 9.13 -13.92
N ASP A 29 3.74 10.14 -13.87
CA ASP A 29 3.96 11.39 -13.12
C ASP A 29 3.31 11.28 -11.77
N LEU A 30 4.12 11.43 -10.73
CA LEU A 30 3.62 11.36 -9.37
C LEU A 30 2.45 12.33 -9.13
N ARG A 31 2.46 13.51 -9.75
CA ARG A 31 1.37 14.47 -9.51
C ARG A 31 -0.02 13.92 -9.86
N ASP A 32 -0.07 13.09 -10.89
CA ASP A 32 -1.35 12.49 -11.28
C ASP A 32 -1.82 11.46 -10.27
N HIS A 33 -0.88 10.84 -9.56
CA HIS A 33 -1.26 9.82 -8.58
C HIS A 33 -1.77 10.45 -7.29
N ILE A 34 -1.24 11.61 -6.97
CA ILE A 34 -1.81 12.40 -5.85
C ILE A 34 -3.26 12.76 -6.17
N ASP A 35 -3.52 13.17 -7.39
CA ASP A 35 -4.89 13.48 -7.78
C ASP A 35 -5.79 12.24 -7.75
N TYR A 36 -5.25 11.09 -8.15
CA TYR A 36 -6.02 9.84 -8.06
C TYR A 36 -6.45 9.56 -6.64
N TRP A 37 -5.49 9.61 -5.72
CA TRP A 37 -5.80 9.28 -4.31
C TRP A 37 -6.71 10.33 -3.66
N LYS A 38 -6.58 11.59 -4.10
CA LYS A 38 -7.48 12.63 -3.56
C LYS A 38 -8.93 12.30 -3.95
N HIS A 39 -9.13 11.83 -5.19
CA HIS A 39 -10.46 11.46 -5.62
C HIS A 39 -10.94 10.17 -4.96
N MET A 40 -10.05 9.18 -4.75
CA MET A 40 -10.47 8.00 -4.00
C MET A 40 -10.93 8.39 -2.62
N ARG A 41 -10.21 9.33 -1.99
CA ARG A 41 -10.56 9.83 -0.67
C ARG A 41 -11.97 10.47 -0.69
N LEU A 42 -12.26 11.30 -1.66
CA LEU A 42 -13.61 11.94 -1.75
C LEU A 42 -14.67 10.88 -1.97
N GLU A 43 -14.39 9.91 -2.84
CA GLU A 43 -15.38 8.85 -3.13
C GLU A 43 -15.81 8.14 -1.83
N CYS A 44 -14.83 7.82 -0.98
CA CYS A 44 -15.12 7.12 0.31
C CYS A 44 -16.02 7.97 1.22
N ALA A 45 -15.72 9.27 1.28
CA ALA A 45 -16.55 10.17 2.10
C ALA A 45 -17.97 10.23 1.57
N ILE A 46 -18.11 10.30 0.25
CA ILE A 46 -19.45 10.27 -0.41
C ILE A 46 -20.19 9.00 -0.03
N TYR A 47 -19.56 7.84 -0.14
CA TYR A 47 -20.25 6.60 0.20
C TYR A 47 -20.61 6.52 1.68
N TYR A 48 -19.75 7.05 2.55
CA TYR A 48 -20.02 7.03 3.97
C TYR A 48 -21.22 7.91 4.27
N LYS A 49 -21.22 9.12 3.71
CA LYS A 49 -22.40 10.01 3.89
C LYS A 49 -23.68 9.40 3.33
N ALA A 50 -23.61 8.74 2.17
CA ALA A 50 -24.82 8.10 1.62
C ALA A 50 -25.38 7.06 2.59
N ARG A 51 -24.50 6.26 3.17
CA ARG A 51 -24.90 5.23 4.12
C ARG A 51 -25.49 5.83 5.38
N GLU A 52 -24.86 6.89 5.87
CA GLU A 52 -25.34 7.60 7.05
C GLU A 52 -26.74 8.13 6.85
N MET A 53 -27.06 8.53 5.62
CA MET A 53 -28.36 9.10 5.28
C MET A 53 -29.39 8.02 4.94
N GLY A 54 -28.99 6.76 5.08
CA GLY A 54 -29.92 5.62 4.90
C GLY A 54 -30.04 5.03 3.51
N PHE A 55 -29.09 5.33 2.64
CA PHE A 55 -29.14 4.80 1.29
C PHE A 55 -28.28 3.55 1.18
N LYS A 56 -28.81 2.53 0.52
CA LYS A 56 -28.11 1.26 0.35
C LYS A 56 -27.57 1.12 -1.08
N HIS A 57 -27.97 2.02 -1.98
CA HIS A 57 -27.34 2.11 -3.28
C HIS A 57 -27.26 3.57 -3.69
N ILE A 58 -26.32 3.86 -4.57
CA ILE A 58 -26.19 5.19 -5.18
C ILE A 58 -25.98 5.02 -6.67
N ASN A 59 -26.91 5.56 -7.47
CA ASN A 59 -26.93 5.25 -8.91
C ASN A 59 -26.82 3.75 -9.17
N HIS A 60 -27.44 2.98 -8.29
CA HIS A 60 -27.52 1.53 -8.43
C HIS A 60 -26.20 0.79 -8.22
N GLN A 61 -25.25 1.48 -7.58
CA GLN A 61 -24.01 0.87 -7.11
C GLN A 61 -24.16 0.64 -5.62
N VAL A 62 -23.70 -0.50 -5.12
CA VAL A 62 -23.88 -0.81 -3.70
C VAL A 62 -23.19 0.24 -2.81
N VAL A 63 -23.85 0.62 -1.72
CA VAL A 63 -23.23 1.53 -0.75
C VAL A 63 -22.75 0.65 0.39
N PRO A 64 -21.42 0.60 0.61
CA PRO A 64 -20.87 -0.26 1.66
C PRO A 64 -21.25 0.18 3.06
N THR A 65 -21.06 -0.70 4.04
CA THR A 65 -21.29 -0.34 5.41
C THR A 65 -20.34 0.79 5.81
N LEU A 66 -20.74 1.53 6.84
CA LEU A 66 -19.92 2.65 7.35
C LEU A 66 -18.48 2.24 7.63
N ALA A 67 -18.29 1.09 8.28
CA ALA A 67 -16.96 0.66 8.69
C ALA A 67 -16.08 0.45 7.48
N VAL A 68 -16.65 -0.05 6.38
CA VAL A 68 -15.86 -0.35 5.19
C VAL A 68 -15.44 0.95 4.52
N SER A 69 -16.37 1.89 4.36
CA SER A 69 -16.04 3.16 3.71
C SER A 69 -15.06 3.97 4.55
N LYS A 70 -15.23 3.96 5.87
CA LYS A 70 -14.26 4.70 6.72
C LYS A 70 -12.87 4.11 6.60
N ASN A 71 -12.75 2.78 6.64
CA ASN A 71 -11.43 2.15 6.53
C ASN A 71 -10.76 2.49 5.20
N LYS A 72 -11.54 2.45 4.12
CA LYS A 72 -10.99 2.76 2.78
C LYS A 72 -10.59 4.24 2.76
N ALA A 73 -11.37 5.10 3.40
CA ALA A 73 -11.04 6.55 3.43
C ALA A 73 -9.72 6.77 4.12
N LEU A 74 -9.55 6.14 5.27
CA LEU A 74 -8.32 6.30 6.05
C LEU A 74 -7.13 5.82 5.20
N GLN A 75 -7.34 4.76 4.43
CA GLN A 75 -6.25 4.26 3.56
C GLN A 75 -5.90 5.27 2.48
N ALA A 76 -6.93 5.82 1.85
CA ALA A 76 -6.73 6.83 0.80
C ALA A 76 -6.03 8.07 1.35
N ILE A 77 -6.47 8.54 2.52
CA ILE A 77 -5.83 9.74 3.12
C ILE A 77 -4.36 9.45 3.36
N GLU A 78 -4.06 8.30 3.95
CA GLU A 78 -2.66 7.96 4.22
C GLU A 78 -1.87 7.92 2.94
N LEU A 79 -2.41 7.30 1.91
CA LEU A 79 -1.65 7.23 0.64
C LEU A 79 -1.47 8.61 0.01
N GLN A 80 -2.55 9.43 0.00
CA GLN A 80 -2.42 10.77 -0.54
C GLN A 80 -1.30 11.57 0.16
N LEU A 81 -1.32 11.60 1.48
CA LEU A 81 -0.33 12.39 2.23
C LEU A 81 1.06 11.83 2.03
N THR A 82 1.19 10.51 1.93
CA THR A 82 2.51 9.88 1.67
C THR A 82 3.03 10.34 0.32
N LEU A 83 2.18 10.33 -0.70
CA LEU A 83 2.64 10.73 -2.03
C LEU A 83 2.98 12.22 -2.08
N GLU A 84 2.25 13.03 -1.33
CA GLU A 84 2.61 14.45 -1.23
C GLU A 84 3.99 14.64 -0.62
N THR A 85 4.32 13.85 0.40
CA THR A 85 5.64 13.92 1.02
C THR A 85 6.69 13.53 -0.03
N ILE A 86 6.41 12.47 -0.77
CA ILE A 86 7.38 12.04 -1.82
C ILE A 86 7.51 13.14 -2.89
N TYR A 87 6.42 13.81 -3.25
CA TYR A 87 6.46 14.83 -4.27
C TYR A 87 7.34 16.00 -3.84
N ASN A 88 7.39 16.27 -2.54
CA ASN A 88 8.23 17.36 -2.02
C ASN A 88 9.66 16.95 -1.74
N SER A 89 9.98 15.72 -2.14
CA SER A 89 11.31 15.12 -1.88
C SER A 89 12.15 15.07 -3.15
N GLN A 90 13.40 14.64 -2.94
CA GLN A 90 14.31 14.43 -4.06
C GLN A 90 13.90 13.32 -5.01
N TYR A 91 12.94 12.47 -4.62
CA TYR A 91 12.54 11.34 -5.44
C TYR A 91 11.35 11.63 -6.33
N SER A 92 10.87 12.87 -6.30
CA SER A 92 9.62 13.22 -6.98
C SER A 92 9.63 13.01 -8.48
N ASN A 93 10.80 13.20 -9.10
CA ASN A 93 10.91 13.15 -10.57
C ASN A 93 11.21 11.75 -11.11
N GLU A 94 11.33 10.77 -10.24
CA GLU A 94 11.45 9.39 -10.70
C GLU A 94 10.19 8.92 -11.45
N LYS A 95 10.29 7.82 -12.18
CA LYS A 95 9.09 7.18 -12.71
C LYS A 95 8.26 6.64 -11.53
N TRP A 96 6.95 6.92 -11.52
CA TRP A 96 6.04 6.42 -10.50
C TRP A 96 4.79 5.95 -11.20
N THR A 97 4.48 4.66 -11.09
CA THR A 97 3.30 4.10 -11.75
C THR A 97 2.11 3.94 -10.79
N LEU A 98 0.93 3.73 -11.36
CA LEU A 98 -0.23 3.45 -10.49
C LEU A 98 -0.05 2.20 -9.65
N GLN A 99 0.63 1.19 -10.19
CA GLN A 99 0.92 -0.01 -9.40
C GLN A 99 1.85 0.29 -8.25
N ASP A 100 2.86 1.14 -8.49
CA ASP A 100 3.79 1.52 -7.45
C ASP A 100 3.11 2.20 -6.27
N VAL A 101 2.02 2.91 -6.56
CA VAL A 101 1.32 3.65 -5.54
C VAL A 101 0.01 3.01 -5.13
N SER A 102 -0.13 1.73 -5.44
CA SER A 102 -1.37 0.99 -5.14
C SER A 102 -1.44 0.51 -3.71
N LEU A 103 -2.67 0.28 -3.23
CA LEU A 103 -2.82 -0.22 -1.87
C LEU A 103 -2.25 -1.63 -1.74
N GLU A 104 -2.37 -2.42 -2.81
CA GLU A 104 -1.85 -3.79 -2.86
C GLU A 104 -0.34 -3.78 -2.52
N VAL A 105 0.41 -2.91 -3.19
CA VAL A 105 1.83 -2.77 -2.89
C VAL A 105 2.04 -2.22 -1.48
N TYR A 106 1.30 -1.15 -1.14
CA TYR A 106 1.53 -0.46 0.13
C TYR A 106 1.39 -1.41 1.32
N LEU A 107 0.42 -2.33 1.24
CA LEU A 107 0.18 -3.24 2.36
C LEU A 107 0.98 -4.53 2.32
N THR A 108 1.72 -4.75 1.23
CA THR A 108 2.66 -5.90 1.16
C THR A 108 3.84 -5.62 2.07
N ALA A 109 4.39 -6.67 2.73
CA ALA A 109 5.49 -6.45 3.68
C ALA A 109 6.68 -5.81 2.94
N PRO A 110 7.35 -4.81 3.54
CA PRO A 110 7.01 -4.11 4.79
C PRO A 110 5.79 -3.18 4.63
N THR A 111 4.75 -3.44 5.41
CA THR A 111 3.50 -2.71 5.20
C THR A 111 3.62 -1.25 5.59
N GLY A 112 2.83 -0.41 4.91
CA GLY A 112 2.82 1.01 5.21
C GLY A 112 3.90 1.79 4.51
N CYS A 113 4.41 1.29 3.38
CA CYS A 113 5.60 1.85 2.67
C CYS A 113 5.23 1.79 1.17
N ILE A 114 5.38 2.92 0.46
CA ILE A 114 5.50 2.89 -1.00
C ILE A 114 6.80 2.14 -1.36
N LYS A 115 6.74 1.26 -2.35
CA LYS A 115 7.89 0.41 -2.73
C LYS A 115 7.89 0.22 -4.22
N LYS A 116 9.10 0.12 -4.79
CA LYS A 116 9.24 -0.11 -6.22
C LYS A 116 10.24 -1.22 -6.50
N HIS A 117 10.06 -1.80 -7.69
CA HIS A 117 11.04 -2.77 -8.26
C HIS A 117 11.06 -4.03 -7.40
N GLY A 118 9.89 -4.60 -7.27
CA GLY A 118 9.69 -5.86 -6.56
C GLY A 118 10.19 -7.02 -7.37
N TYR A 119 10.69 -8.04 -6.68
CA TYR A 119 11.07 -9.28 -7.34
C TYR A 119 10.88 -10.44 -6.39
N THR A 120 10.86 -11.64 -6.94
CA THR A 120 10.52 -12.84 -6.18
C THR A 120 11.72 -13.48 -5.52
N VAL A 121 11.55 -13.81 -4.25
CA VAL A 121 12.51 -14.62 -3.50
C VAL A 121 11.80 -15.95 -3.17
N GLU A 122 12.44 -17.07 -3.46
CA GLU A 122 11.80 -18.37 -3.25
C GLU A 122 12.54 -19.05 -2.09
N VAL A 123 11.80 -19.68 -1.19
CA VAL A 123 12.40 -20.42 -0.08
C VAL A 123 11.83 -21.83 -0.12
N GLN A 124 12.73 -22.80 -0.29
CA GLN A 124 12.34 -24.20 -0.27
C GLN A 124 12.60 -24.80 1.10
N PHE A 125 11.52 -25.27 1.75
CA PHE A 125 11.63 -25.82 3.08
C PHE A 125 11.93 -27.31 3.06
N ASP A 126 12.92 -27.72 3.85
CA ASP A 126 13.29 -29.14 3.99
C ASP A 126 13.36 -29.97 2.72
N GLY A 127 13.82 -29.36 1.62
CA GLY A 127 14.17 -30.11 0.41
C GLY A 127 12.96 -30.59 -0.39
N ASP A 128 11.79 -30.03 -0.07
CA ASP A 128 10.56 -30.34 -0.79
C ASP A 128 10.11 -29.25 -1.76
N ILE A 129 10.06 -29.58 -3.06
CA ILE A 129 9.56 -28.64 -4.07
C ILE A 129 8.14 -28.15 -3.74
N CYS A 130 7.29 -29.07 -3.25
CA CYS A 130 5.92 -28.71 -2.92
C CYS A 130 5.82 -27.77 -1.73
N ASN A 131 6.91 -27.63 -0.98
CA ASN A 131 6.93 -26.82 0.23
C ASN A 131 7.81 -25.61 -0.03
N THR A 132 7.43 -24.86 -1.05
CA THR A 132 8.19 -23.68 -1.43
C THR A 132 7.31 -22.48 -1.30
N MET A 133 7.84 -21.45 -0.63
CA MET A 133 7.15 -20.21 -0.46
C MET A 133 7.75 -19.17 -1.41
N HIS A 134 6.92 -18.25 -1.88
CA HIS A 134 7.35 -17.14 -2.71
C HIS A 134 7.09 -15.87 -1.92
N TYR A 135 8.10 -15.00 -1.86
CA TYR A 135 8.00 -13.73 -1.15
C TYR A 135 8.39 -12.61 -2.08
N THR A 136 8.01 -11.38 -1.73
CA THR A 136 8.42 -10.25 -2.58
C THR A 136 9.46 -9.42 -1.86
N ASN A 137 10.63 -9.25 -2.48
CA ASN A 137 11.60 -8.28 -1.97
C ASN A 137 11.53 -7.05 -2.88
N TRP A 138 12.17 -5.97 -2.46
CA TRP A 138 12.03 -4.68 -3.20
C TRP A 138 13.37 -3.99 -3.22
N THR A 139 13.81 -3.51 -4.37
CA THR A 139 15.09 -2.79 -4.35
C THR A 139 14.93 -1.41 -3.77
N HIS A 140 13.71 -0.84 -3.83
CA HIS A 140 13.50 0.55 -3.35
C HIS A 140 12.27 0.59 -2.42
N ILE A 141 12.53 0.86 -1.15
CA ILE A 141 11.48 0.92 -0.12
C ILE A 141 11.52 2.35 0.40
N TYR A 142 10.41 3.09 0.28
CA TYR A 142 10.39 4.50 0.67
C TYR A 142 9.87 4.63 2.08
N ILE A 143 10.74 5.03 3.00
CA ILE A 143 10.32 5.16 4.40
C ILE A 143 10.03 6.62 4.69
N CYS A 144 8.76 6.89 4.99
CA CYS A 144 8.26 8.23 5.25
C CYS A 144 7.95 8.38 6.72
N GLU A 145 8.55 9.40 7.32
CA GLU A 145 8.31 9.74 8.73
C GLU A 145 8.06 11.24 8.74
N GLU A 146 6.86 11.65 9.12
CA GLU A 146 6.54 13.09 9.11
C GLU A 146 6.60 13.59 7.65
N ALA A 147 7.44 14.59 7.39
CA ALA A 147 7.57 15.21 6.08
C ALA A 147 8.85 14.74 5.39
N SER A 148 9.48 13.71 5.94
CA SER A 148 10.76 13.28 5.41
C SER A 148 10.61 11.92 4.73
N VAL A 149 11.40 11.72 3.67
CA VAL A 149 11.46 10.42 2.96
C VAL A 149 12.89 9.97 2.79
N THR A 150 13.11 8.68 3.02
CA THR A 150 14.40 8.07 2.74
C THR A 150 14.15 6.75 2.04
N VAL A 151 14.89 6.49 0.98
CA VAL A 151 14.79 5.21 0.30
C VAL A 151 15.85 4.27 0.88
N VAL A 152 15.43 3.03 1.10
CA VAL A 152 16.34 1.97 1.54
C VAL A 152 16.18 0.72 0.67
N GLU A 153 17.20 -0.15 0.67
CA GLU A 153 17.19 -1.31 -0.19
C GLU A 153 16.66 -2.52 0.60
N GLY A 154 15.78 -3.33 -0.01
CA GLY A 154 15.39 -4.61 0.64
C GLY A 154 16.55 -5.56 0.46
N GLN A 155 16.90 -6.29 1.52
CA GLN A 155 18.03 -7.21 1.47
C GLN A 155 17.56 -8.58 1.90
N VAL A 156 18.34 -9.60 1.54
CA VAL A 156 18.01 -10.99 1.85
C VAL A 156 19.17 -11.68 2.56
N ASP A 157 18.82 -12.44 3.58
CA ASP A 157 19.82 -13.36 4.13
C ASP A 157 19.14 -14.68 4.45
N TYR A 158 19.86 -15.57 5.15
CA TYR A 158 19.25 -16.87 5.41
C TYR A 158 17.96 -16.74 6.21
N TYR A 159 17.87 -15.70 7.04
CA TYR A 159 16.79 -15.62 8.03
C TYR A 159 15.54 -14.93 7.49
N GLY A 160 15.69 -14.11 6.46
CA GLY A 160 14.48 -13.40 5.97
C GLY A 160 14.84 -12.23 5.08
N LEU A 161 13.86 -11.34 4.97
CA LEU A 161 14.01 -10.12 4.14
C LEU A 161 14.02 -8.96 5.12
N TYR A 162 14.96 -8.03 4.90
CA TYR A 162 15.12 -6.93 5.85
C TYR A 162 15.54 -5.65 5.12
N TYR A 163 15.44 -4.56 5.85
CA TYR A 163 16.07 -3.31 5.39
C TYR A 163 16.78 -2.71 6.60
N VAL A 164 17.70 -1.78 6.33
CA VAL A 164 18.41 -1.06 7.37
C VAL A 164 18.03 0.41 7.23
N HIS A 165 17.47 0.99 8.28
CA HIS A 165 17.07 2.39 8.27
C HIS A 165 17.69 3.00 9.53
N GLU A 166 18.49 4.05 9.34
CA GLU A 166 19.14 4.75 10.46
C GLU A 166 19.91 3.78 11.36
N GLY A 167 20.60 2.85 10.70
CA GLY A 167 21.43 1.88 11.40
C GLY A 167 20.69 0.73 12.07
N ILE A 168 19.39 0.64 11.88
CA ILE A 168 18.59 -0.38 12.56
C ILE A 168 18.10 -1.37 11.52
N ARG A 169 18.41 -2.65 11.75
CA ARG A 169 18.03 -3.70 10.83
C ARG A 169 16.66 -4.24 11.24
N THR A 170 15.71 -4.13 10.32
CA THR A 170 14.33 -4.50 10.53
C THR A 170 13.97 -5.60 9.54
N TYR A 171 13.61 -6.76 10.08
CA TYR A 171 13.12 -7.85 9.22
C TYR A 171 11.65 -7.68 8.98
N PHE A 172 11.23 -7.77 7.73
CA PHE A 172 9.80 -7.70 7.40
C PHE A 172 9.24 -9.03 6.95
N VAL A 173 10.13 -9.99 6.66
CA VAL A 173 9.77 -11.40 6.53
C VAL A 173 10.81 -12.18 7.33
N GLN A 174 10.35 -13.12 8.15
CA GLN A 174 11.24 -14.05 8.86
C GLN A 174 10.86 -15.45 8.41
N PHE A 175 11.77 -16.11 7.72
CA PHE A 175 11.44 -17.39 7.09
C PHE A 175 11.11 -18.44 8.12
N LYS A 176 11.63 -18.33 9.33
CA LYS A 176 11.30 -19.34 10.36
C LYS A 176 9.80 -19.41 10.67
N ASP A 177 9.08 -18.31 10.46
CA ASP A 177 7.63 -18.28 10.74
C ASP A 177 6.92 -19.28 9.83
N ASP A 178 7.26 -19.27 8.55
CA ASP A 178 6.67 -20.24 7.63
C ASP A 178 7.26 -21.64 7.80
N ALA A 179 8.54 -21.76 8.16
CA ALA A 179 9.10 -23.07 8.46
C ALA A 179 8.28 -23.74 9.55
N GLU A 180 7.89 -22.98 10.58
CA GLU A 180 7.14 -23.56 11.71
C GLU A 180 5.76 -24.02 11.29
N LYS A 181 5.20 -23.31 10.33
CA LYS A 181 3.86 -23.55 9.87
C LYS A 181 3.84 -24.78 8.96
N TYR A 182 4.85 -24.90 8.08
CA TYR A 182 4.81 -25.83 6.98
C TYR A 182 5.71 -27.05 7.09
N SER A 183 6.78 -26.92 7.87
CA SER A 183 7.86 -27.90 7.82
C SER A 183 8.08 -28.58 9.16
N LYS A 184 8.75 -29.73 9.15
CA LYS A 184 9.17 -30.38 10.40
C LYS A 184 10.54 -29.85 10.90
N ASN A 185 11.19 -29.00 10.09
CA ASN A 185 12.59 -28.51 10.26
C ASN A 185 12.78 -26.98 10.24
N LYS A 186 13.93 -26.52 10.75
CA LYS A 186 14.38 -25.15 10.53
C LYS A 186 15.45 -25.08 9.45
N VAL A 187 15.41 -26.03 8.53
CA VAL A 187 16.37 -26.01 7.43
C VAL A 187 15.69 -25.71 6.11
N TRP A 188 16.21 -24.72 5.36
CA TRP A 188 15.62 -24.34 4.11
C TRP A 188 16.71 -23.81 3.20
N GLU A 189 16.35 -23.47 1.96
CA GLU A 189 17.28 -22.89 0.98
C GLU A 189 16.61 -21.70 0.38
N VAL A 190 17.36 -20.59 0.35
CA VAL A 190 16.81 -19.32 -0.13
C VAL A 190 17.35 -19.02 -1.50
N HIS A 191 16.44 -18.75 -2.44
CA HIS A 191 16.83 -18.40 -3.80
C HIS A 191 16.40 -16.98 -4.07
N ALA A 192 17.37 -16.08 -4.25
CA ALA A 192 17.06 -14.66 -4.41
C ALA A 192 17.57 -14.09 -5.73
N GLY A 193 17.95 -14.98 -6.64
CA GLY A 193 18.16 -14.59 -8.04
C GLY A 193 19.56 -14.86 -8.51
N GLY A 194 19.79 -16.11 -8.91
CA GLY A 194 21.10 -16.51 -9.41
C GLY A 194 21.98 -17.15 -8.34
N GLN A 195 21.74 -16.83 -7.07
CA GLN A 195 22.44 -17.57 -6.03
C GLN A 195 21.56 -18.10 -4.89
N VAL A 196 22.11 -19.09 -4.19
CA VAL A 196 21.38 -19.78 -3.13
C VAL A 196 22.04 -19.51 -1.79
N ILE A 197 21.23 -19.28 -0.76
CA ILE A 197 21.71 -19.11 0.58
C ILE A 197 21.34 -20.33 1.41
N LEU A 198 22.35 -20.96 2.00
CA LEU A 198 22.20 -22.22 2.75
C LEU A 198 22.34 -21.94 4.25
N CYS A 199 21.94 -22.92 5.06
CA CYS A 199 21.96 -22.79 6.52
C CYS A 199 23.40 -22.50 6.94
N PRO A 200 23.63 -21.39 7.67
CA PRO A 200 25.02 -20.98 7.97
C PRO A 200 25.65 -21.66 9.19
N THR A 201 24.84 -22.42 9.91
CA THR A 201 25.22 -23.02 11.19
C THR A 201 25.20 -24.54 11.15
N SER A 202 25.70 -25.15 12.22
CA SER A 202 25.73 -26.60 12.29
C SER A 202 24.35 -27.23 12.38
N VAL A 203 24.23 -28.43 11.82
CA VAL A 203 22.98 -29.15 11.69
C VAL A 203 23.07 -30.49 12.41
N PHE A 204 22.01 -30.80 13.16
CA PHE A 204 21.93 -32.01 13.96
C PHE A 204 20.60 -32.70 13.69
N ALA B 3 -3.10 13.53 17.20
CA ALA B 3 -3.70 14.38 16.13
C ALA B 3 -3.38 13.82 14.73
N THR B 4 -4.23 12.90 14.25
CA THR B 4 -3.92 12.08 13.06
C THR B 4 -4.98 12.04 11.92
N ILE B 5 -4.94 10.94 11.15
CA ILE B 5 -5.68 10.69 9.89
C ILE B 5 -7.20 10.54 10.07
N ASP B 6 -7.62 9.93 11.18
CA ASP B 6 -9.05 9.89 11.51
C ASP B 6 -9.65 11.29 11.54
N MET B 7 -8.86 12.27 11.97
CA MET B 7 -9.36 13.61 12.03
C MET B 7 -9.56 14.20 10.63
N ASN B 8 -8.75 13.83 9.64
CA ASN B 8 -9.00 14.32 8.30
C ASN B 8 -10.29 13.73 7.72
N PHE B 9 -10.56 12.46 8.05
CA PHE B 9 -11.79 11.86 7.56
C PHE B 9 -13.00 12.58 8.15
N GLN B 10 -12.98 12.83 9.46
CA GLN B 10 -14.04 13.61 10.11
C GLN B 10 -14.25 14.94 9.43
N SER B 11 -13.15 15.62 9.07
CA SER B 11 -13.23 16.90 8.41
C SER B 11 -13.88 16.73 7.05
N ASP B 12 -13.46 15.71 6.30
CA ASP B 12 -14.04 15.47 4.96
C ASP B 12 -15.56 15.25 5.04
N LEU B 13 -16.00 14.50 6.04
CA LEU B 13 -17.44 14.20 6.16
C LEU B 13 -18.25 15.45 6.50
N LEU B 14 -17.71 16.28 7.39
CA LEU B 14 -18.42 17.49 7.82
C LEU B 14 -18.60 18.49 6.70
N SER B 15 -17.68 18.53 5.77
CA SER B 15 -17.71 19.56 4.75
C SER B 15 -18.27 19.04 3.43
N ILE B 16 -18.78 17.81 3.42
CA ILE B 16 -19.22 17.22 2.18
C ILE B 16 -20.25 18.08 1.40
N PHE B 17 -21.17 18.73 2.10
CA PHE B 17 -22.15 19.60 1.42
C PHE B 17 -21.79 21.08 1.53
N GLU B 18 -20.63 21.38 2.10
CA GLU B 18 -20.15 22.77 2.18
C GLU B 18 -19.38 23.13 0.91
N GLU B 19 -19.21 24.44 0.66
CA GLU B 19 -18.46 24.88 -0.49
C GLU B 19 -17.01 24.35 -0.39
N ASN B 20 -16.40 24.04 -1.52
CA ASN B 20 -15.04 23.49 -1.53
C ASN B 20 -13.99 24.61 -1.47
N LEU B 21 -13.02 24.46 -0.58
CA LEU B 21 -11.91 25.42 -0.46
C LEU B 21 -10.58 24.82 -0.80
N PHE B 22 -10.45 23.50 -0.70
CA PHE B 22 -9.17 22.81 -0.84
C PHE B 22 -9.21 21.70 -1.90
#